data_3NQR
#
_entry.id   3NQR
#
_cell.length_a   52.123
_cell.length_b   54.122
_cell.length_c   92.119
_cell.angle_alpha   90.00
_cell.angle_beta   94.78
_cell.angle_gamma   90.00
#
_symmetry.space_group_name_H-M   'P 1 21 1'
#
loop_
_entity.id
_entity.type
_entity.pdbx_description
1 polymer 'Magnesium and cobalt efflux protein corC'
2 non-polymer 'ADENOSINE MONOPHOSPHATE'
3 water water
#
_entity_poly.entity_id   1
_entity_poly.type   'polypeptide(L)'
_entity_poly.pdbx_seq_one_letter_code
;ADQRVRDI(MSE)IPRSQ(MSE)ITLKRNQTLDECLDVIIESAHSRFPVISEDKDHIEGIL(MSE)AKDLLPF(MSE)RS
DAEAFS(MSE)DKVLRTAVVVPESKRVDR(MSE)LKEFRSQRYH(MSE)AIVIDEFGGVSGLVTIEDILELIVGE
;
_entity_poly.pdbx_strand_id   A,B,C,D
#
loop_
_chem_comp.id
_chem_comp.type
_chem_comp.name
_chem_comp.formula
AMP non-polymer 'ADENOSINE MONOPHOSPHATE' 'C10 H14 N5 O7 P'
#
# COMPACT_ATOMS: atom_id res chain seq x y z
N GLN A 3 18.01 -19.85 8.44
CA GLN A 3 18.62 -19.04 7.35
C GLN A 3 18.13 -17.57 7.49
N ARG A 4 18.40 -16.76 6.46
CA ARG A 4 17.88 -15.38 6.41
C ARG A 4 16.63 -15.35 5.55
N VAL A 5 15.78 -14.34 5.77
CA VAL A 5 14.61 -14.17 4.92
C VAL A 5 15.07 -14.20 3.45
N ARG A 6 16.18 -13.55 3.15
CA ARG A 6 16.77 -13.54 1.81
C ARG A 6 17.01 -14.93 1.21
N ASP A 7 17.24 -15.94 2.04
CA ASP A 7 17.54 -17.28 1.54
C ASP A 7 16.30 -18.11 1.16
N ILE A 8 15.13 -17.63 1.53
CA ILE A 8 13.92 -18.38 1.25
C ILE A 8 12.84 -17.59 0.50
N MSE A 9 13.19 -16.39 0.06
CA MSE A 9 12.24 -15.52 -0.58
C MSE A 9 12.07 -15.86 -2.03
O MSE A 9 12.91 -16.54 -2.61
CB MSE A 9 12.75 -14.08 -0.50
CG MSE A 9 13.99 -13.83 -1.28
SE MSE A 9 14.56 -11.97 -1.13
CE MSE A 9 15.86 -12.00 -2.63
N ILE A 10 10.98 -15.36 -2.60
CA ILE A 10 10.71 -15.47 -4.03
C ILE A 10 11.37 -14.19 -4.53
N PRO A 11 12.38 -14.28 -5.37
CA PRO A 11 13.00 -13.02 -5.77
C PRO A 11 12.06 -12.11 -6.55
N ARG A 12 12.41 -10.83 -6.51
CA ARG A 12 11.70 -9.75 -7.19
C ARG A 12 11.16 -10.09 -8.60
N SER A 13 12.03 -10.51 -9.51
CA SER A 13 11.63 -10.81 -10.87
C SER A 13 10.60 -11.94 -11.00
N GLN A 14 10.54 -12.85 -10.04
CA GLN A 14 9.55 -13.95 -10.08
C GLN A 14 8.26 -13.60 -9.34
N MSE A 15 8.16 -12.41 -8.77
CA MSE A 15 6.92 -12.02 -8.06
C MSE A 15 5.84 -11.77 -9.08
O MSE A 15 6.05 -11.10 -10.11
CB MSE A 15 7.09 -10.77 -7.22
CG MSE A 15 8.14 -10.85 -6.11
SE MSE A 15 8.20 -9.11 -5.13
CE MSE A 15 8.16 -7.76 -6.60
N ILE A 16 4.66 -12.31 -8.83
CA ILE A 16 3.54 -12.08 -9.73
C ILE A 16 2.80 -10.90 -9.15
N THR A 17 2.79 -9.81 -9.87
CA THR A 17 2.21 -8.58 -9.33
C THR A 17 1.12 -8.01 -10.21
N LEU A 18 0.41 -7.02 -9.64
CA LEU A 18 -0.64 -6.32 -10.31
C LEU A 18 -0.29 -4.83 -10.42
N LYS A 19 -0.79 -4.16 -11.43
CA LYS A 19 -0.53 -2.76 -11.56
C LYS A 19 -1.72 -2.04 -11.05
N ARG A 20 -1.45 -0.97 -10.29
CA ARG A 20 -2.48 -0.20 -9.66
C ARG A 20 -3.49 0.36 -10.62
N ASN A 21 -3.14 0.49 -11.92
CA ASN A 21 -4.06 1.01 -12.95
C ASN A 21 -4.80 0.00 -13.86
N GLN A 22 -4.38 -1.26 -13.91
CA GLN A 22 -5.03 -2.30 -14.73
C GLN A 22 -6.55 -2.49 -14.48
N THR A 23 -7.25 -2.89 -15.52
CA THR A 23 -8.69 -3.18 -15.41
C THR A 23 -8.92 -4.46 -14.60
N LEU A 24 -10.16 -4.65 -14.17
CA LEU A 24 -10.48 -5.83 -13.43
C LEU A 24 -10.16 -7.07 -14.32
N ASP A 25 -10.59 -7.06 -15.57
CA ASP A 25 -10.30 -8.18 -16.48
C ASP A 25 -8.81 -8.49 -16.61
N GLU A 26 -7.98 -7.46 -16.70
CA GLU A 26 -6.54 -7.69 -16.82
C GLU A 26 -5.99 -8.29 -15.54
N CYS A 27 -6.54 -7.83 -14.42
CA CYS A 27 -6.14 -8.30 -13.10
C CYS A 27 -6.54 -9.76 -12.95
N LEU A 28 -7.82 -10.05 -13.22
CA LEU A 28 -8.35 -11.39 -13.14
C LEU A 28 -7.49 -12.37 -13.95
N ASP A 29 -7.10 -11.96 -15.15
CA ASP A 29 -6.29 -12.83 -15.97
C ASP A 29 -5.05 -13.24 -15.23
N VAL A 30 -4.35 -12.27 -14.63
CA VAL A 30 -3.14 -12.59 -13.91
C VAL A 30 -3.43 -13.49 -12.71
N ILE A 31 -4.43 -13.09 -11.92
CA ILE A 31 -4.79 -13.80 -10.72
C ILE A 31 -5.17 -15.24 -11.02
N ILE A 32 -6.11 -15.41 -11.93
CA ILE A 32 -6.61 -16.75 -12.25
C ILE A 32 -5.50 -17.63 -12.79
N GLU A 33 -4.72 -17.14 -13.74
CA GLU A 33 -3.73 -18.04 -14.26
C GLU A 33 -2.48 -18.30 -13.38
N SER A 34 -2.20 -17.43 -12.42
CA SER A 34 -1.03 -17.64 -11.58
C SER A 34 -1.43 -18.54 -10.41
N ALA A 35 -2.73 -18.48 -10.07
CA ALA A 35 -3.35 -19.24 -8.99
C ALA A 35 -2.88 -18.87 -7.58
N HIS A 36 -2.23 -17.73 -7.43
CA HIS A 36 -1.76 -17.34 -6.13
C HIS A 36 -2.90 -16.63 -5.43
N SER A 37 -2.77 -16.44 -4.12
CA SER A 37 -3.78 -15.81 -3.29
C SER A 37 -3.64 -14.30 -3.03
N ARG A 38 -2.42 -13.82 -3.01
CA ARG A 38 -2.06 -12.44 -2.70
C ARG A 38 -0.99 -12.00 -3.68
N PHE A 39 -1.14 -10.73 -4.08
CA PHE A 39 -0.29 -10.15 -5.06
C PHE A 39 0.24 -8.79 -4.65
N PRO A 40 1.56 -8.56 -4.81
CA PRO A 40 1.90 -7.15 -4.53
C PRO A 40 1.39 -6.28 -5.66
N VAL A 41 0.95 -5.06 -5.35
CA VAL A 41 0.45 -4.15 -6.35
C VAL A 41 1.57 -3.10 -6.51
N ILE A 42 1.95 -2.81 -7.73
CA ILE A 42 3.04 -1.91 -8.01
C ILE A 42 2.60 -0.66 -8.76
N SER A 43 3.46 0.33 -8.82
CA SER A 43 3.17 1.47 -9.67
C SER A 43 4.02 1.41 -10.95
N GLU A 44 5.22 1.91 -10.95
CA GLU A 44 5.97 1.85 -12.22
C GLU A 44 6.68 0.54 -12.46
N ASP A 45 7.24 -0.02 -11.39
CA ASP A 45 7.96 -1.25 -11.52
C ASP A 45 7.92 -1.98 -10.20
N LYS A 46 8.54 -3.16 -10.21
CA LYS A 46 8.56 -4.04 -9.05
C LYS A 46 9.37 -3.50 -7.86
N ASP A 47 10.11 -2.43 -8.05
CA ASP A 47 10.75 -1.79 -6.88
C ASP A 47 9.82 -0.82 -6.09
N HIS A 48 8.63 -0.54 -6.61
CA HIS A 48 7.70 0.38 -5.98
C HIS A 48 6.34 -0.27 -5.69
N ILE A 49 6.22 -0.81 -4.51
CA ILE A 49 5.05 -1.57 -4.11
C ILE A 49 4.13 -0.63 -3.39
N GLU A 50 2.91 -0.53 -3.87
CA GLU A 50 1.90 0.32 -3.27
C GLU A 50 1.15 -0.36 -2.12
N GLY A 51 1.06 -1.67 -2.20
CA GLY A 51 0.25 -2.42 -1.24
C GLY A 51 0.06 -3.83 -1.73
N ILE A 52 -0.86 -4.55 -1.10
CA ILE A 52 -1.13 -5.93 -1.40
C ILE A 52 -2.54 -6.14 -1.73
N LEU A 53 -2.80 -6.97 -2.76
CA LEU A 53 -4.17 -7.35 -3.10
C LEU A 53 -4.38 -8.82 -2.79
N MSE A 54 -5.39 -9.11 -2.01
CA MSE A 54 -5.77 -10.48 -1.71
C MSE A 54 -6.98 -10.83 -2.54
O MSE A 54 -8.02 -10.13 -2.54
CB MSE A 54 -5.96 -10.68 -0.24
CG MSE A 54 -4.69 -10.20 0.44
SE MSE A 54 -4.78 -10.52 2.34
CE MSE A 54 -3.02 -9.62 2.72
N ALA A 55 -6.85 -11.93 -3.24
CA ALA A 55 -7.86 -12.39 -4.20
C ALA A 55 -9.25 -12.61 -3.61
N LYS A 56 -9.32 -13.01 -2.35
CA LYS A 56 -10.59 -13.24 -1.67
C LYS A 56 -11.37 -11.91 -1.46
N ASP A 57 -10.65 -10.79 -1.45
CA ASP A 57 -11.30 -9.46 -1.33
C ASP A 57 -12.04 -9.08 -2.60
N LEU A 58 -11.86 -9.82 -3.66
CA LEU A 58 -12.62 -9.56 -4.89
C LEU A 58 -14.03 -10.18 -4.89
N LEU A 59 -14.27 -11.14 -4.01
CA LEU A 59 -15.53 -11.87 -4.01
C LEU A 59 -16.78 -10.97 -3.71
N PRO A 60 -16.71 -10.05 -2.75
CA PRO A 60 -17.89 -9.15 -2.57
C PRO A 60 -18.31 -8.42 -3.85
N PHE A 61 -17.35 -8.13 -4.72
CA PHE A 61 -17.67 -7.44 -5.99
C PHE A 61 -18.36 -8.30 -7.01
N MSE A 62 -18.44 -9.58 -6.72
CA MSE A 62 -19.13 -10.49 -7.58
C MSE A 62 -20.60 -10.57 -7.28
O MSE A 62 -21.32 -11.19 -8.04
CB MSE A 62 -18.53 -11.91 -7.48
CG MSE A 62 -17.07 -11.99 -7.89
SE MSE A 62 -16.51 -13.90 -8.04
CE MSE A 62 -17.93 -14.46 -9.24
N ARG A 63 -21.06 -10.04 -6.14
CA ARG A 63 -22.48 -10.09 -5.79
C ARG A 63 -23.27 -9.23 -6.75
N SER A 64 -24.47 -9.68 -7.10
CA SER A 64 -25.35 -8.92 -8.03
C SER A 64 -25.68 -7.50 -7.63
N ASP A 65 -25.62 -7.17 -6.34
CA ASP A 65 -25.89 -5.80 -5.86
C ASP A 65 -24.66 -5.11 -5.30
N ALA A 66 -23.48 -5.58 -5.67
CA ALA A 66 -22.25 -5.02 -5.12
C ALA A 66 -21.91 -3.61 -5.63
N GLU A 67 -21.03 -2.94 -4.89
CA GLU A 67 -20.48 -1.66 -5.31
C GLU A 67 -19.58 -1.91 -6.51
N ALA A 68 -19.11 -0.86 -7.15
CA ALA A 68 -18.16 -0.99 -8.26
C ALA A 68 -16.79 -1.36 -7.74
N PHE A 69 -16.06 -2.21 -8.46
CA PHE A 69 -14.71 -2.54 -8.04
C PHE A 69 -13.76 -1.38 -8.34
N SER A 70 -12.76 -1.19 -7.48
CA SER A 70 -11.70 -0.25 -7.76
C SER A 70 -10.58 -0.74 -6.87
N MSE A 71 -9.34 -0.59 -7.34
CA MSE A 71 -8.17 -1.04 -6.61
C MSE A 71 -8.14 -0.43 -5.22
O MSE A 71 -7.78 -1.10 -4.24
CB MSE A 71 -6.91 -0.62 -7.35
CG MSE A 71 -5.66 -1.12 -6.67
SE MSE A 71 -5.55 -3.07 -6.75
CE MSE A 71 -5.01 -3.25 -8.68
N ASP A 72 -8.52 0.82 -5.10
CA ASP A 72 -8.49 1.47 -3.79
C ASP A 72 -9.40 0.81 -2.75
N LYS A 73 -10.47 0.16 -3.21
N LYS A 73 -10.46 0.16 -3.21
CA LYS A 73 -11.38 -0.51 -2.30
CA LYS A 73 -11.39 -0.50 -2.30
C LYS A 73 -10.83 -1.79 -1.70
C LYS A 73 -10.85 -1.80 -1.72
N VAL A 74 -9.81 -2.38 -2.32
CA VAL A 74 -9.26 -3.62 -1.81
C VAL A 74 -7.78 -3.64 -1.44
N LEU A 75 -7.06 -2.58 -1.78
CA LEU A 75 -5.64 -2.46 -1.50
C LEU A 75 -5.34 -2.46 0.00
N ARG A 76 -4.43 -3.33 0.42
CA ARG A 76 -4.01 -3.40 1.81
C ARG A 76 -2.58 -2.96 1.92
N THR A 77 -2.23 -2.53 3.13
CA THR A 77 -0.86 -2.09 3.44
C THR A 77 0.10 -3.22 3.31
N ALA A 78 1.21 -3.00 2.62
CA ALA A 78 2.23 -4.04 2.49
C ALA A 78 3.22 -4.02 3.67
N VAL A 79 3.48 -5.14 4.30
CA VAL A 79 4.45 -5.20 5.38
C VAL A 79 5.82 -5.40 4.74
N VAL A 80 6.84 -4.62 5.15
CA VAL A 80 8.17 -4.75 4.60
C VAL A 80 9.11 -5.18 5.71
N VAL A 81 10.07 -6.01 5.33
CA VAL A 81 11.10 -6.52 6.27
C VAL A 81 12.46 -6.49 5.61
N PRO A 82 13.55 -6.36 6.41
CA PRO A 82 14.87 -6.36 5.80
C PRO A 82 15.30 -7.78 5.39
N GLU A 83 16.19 -7.85 4.39
CA GLU A 83 16.77 -9.08 3.87
C GLU A 83 17.43 -9.92 4.94
N SER A 84 17.99 -9.24 5.93
CA SER A 84 18.70 -9.86 7.05
C SER A 84 17.81 -10.39 8.16
N LYS A 85 16.50 -10.19 8.07
CA LYS A 85 15.62 -10.69 9.13
C LYS A 85 15.65 -12.21 9.22
N ARG A 86 15.63 -12.71 10.44
CA ARG A 86 15.67 -14.13 10.71
C ARG A 86 14.35 -14.85 10.52
N VAL A 87 14.45 -16.00 9.85
CA VAL A 87 13.29 -16.82 9.54
C VAL A 87 12.48 -17.11 10.78
N ASP A 88 13.17 -17.40 11.90
CA ASP A 88 12.48 -17.67 13.18
C ASP A 88 11.64 -16.45 13.53
N ARG A 89 12.27 -15.29 13.56
CA ARG A 89 11.57 -14.05 13.86
C ARG A 89 10.48 -13.83 12.79
N MSE A 90 10.82 -14.02 11.52
CA MSE A 90 9.82 -13.85 10.44
C MSE A 90 8.61 -14.75 10.74
O MSE A 90 7.47 -14.29 10.74
CB MSE A 90 10.42 -14.24 9.09
CG MSE A 90 9.57 -13.89 7.86
SE MSE A 90 9.14 -11.96 7.59
CE MSE A 90 7.62 -11.76 8.79
N LEU A 91 8.86 -16.02 11.05
CA LEU A 91 7.74 -16.93 11.35
C LEU A 91 6.94 -16.40 12.51
N LYS A 92 7.61 -16.10 13.62
CA LYS A 92 6.92 -15.57 14.79
C LYS A 92 6.05 -14.36 14.45
N GLU A 93 6.58 -13.44 13.63
CA GLU A 93 5.80 -12.25 13.24
C GLU A 93 4.61 -12.59 12.33
N PHE A 94 4.78 -13.50 11.37
CA PHE A 94 3.59 -13.89 10.58
C PHE A 94 2.51 -14.45 11.53
N ARG A 95 2.98 -15.18 12.53
CA ARG A 95 2.10 -15.84 13.47
C ARG A 95 1.36 -14.83 14.40
N SER A 96 2.08 -13.94 15.08
CA SER A 96 1.42 -13.02 16.03
C SER A 96 0.64 -11.89 15.39
N GLN A 97 1.01 -11.45 14.18
CA GLN A 97 0.29 -10.35 13.50
C GLN A 97 -0.75 -10.92 12.51
N ARG A 98 -0.83 -12.26 12.49
CA ARG A 98 -1.84 -12.99 11.71
C ARG A 98 -1.85 -12.62 10.23
N TYR A 99 -0.66 -12.58 9.60
CA TYR A 99 -0.60 -12.28 8.13
C TYR A 99 0.25 -13.35 7.43
N HIS A 100 0.28 -13.31 6.10
CA HIS A 100 0.91 -14.37 5.32
C HIS A 100 2.06 -14.06 4.37
N MSE A 101 2.16 -12.79 3.98
CA MSE A 101 3.14 -12.34 3.04
C MSE A 101 3.80 -11.03 3.44
O MSE A 101 3.12 -10.11 3.90
CB MSE A 101 2.44 -12.11 1.68
CG MSE A 101 3.27 -11.34 0.64
SE MSE A 101 2.41 -11.20 -1.13
CE MSE A 101 2.40 -13.07 -1.57
N ALA A 102 5.09 -10.93 3.23
CA ALA A 102 5.83 -9.71 3.48
C ALA A 102 6.73 -9.46 2.27
N ILE A 103 7.00 -8.18 2.02
CA ILE A 103 7.89 -7.71 1.00
C ILE A 103 9.29 -7.49 1.66
N VAL A 104 10.35 -8.09 1.06
CA VAL A 104 11.74 -8.02 1.53
C VAL A 104 12.43 -6.86 0.79
N ILE A 105 13.08 -6.00 1.55
CA ILE A 105 13.74 -4.81 1.01
C ILE A 105 15.22 -4.90 1.31
N ASP A 106 16.04 -4.43 0.38
CA ASP A 106 17.50 -4.45 0.50
C ASP A 106 17.94 -3.26 1.31
N GLU A 107 19.23 -3.15 1.66
CA GLU A 107 19.73 -2.06 2.50
C GLU A 107 19.51 -0.69 1.85
N PHE A 108 19.23 -0.71 0.55
CA PHE A 108 19.12 0.51 -0.22
C PHE A 108 17.71 0.90 -0.65
N GLY A 109 16.71 0.28 -0.04
CA GLY A 109 15.33 0.59 -0.35
C GLY A 109 14.77 -0.12 -1.55
N GLY A 110 15.59 -0.87 -2.29
CA GLY A 110 15.04 -1.60 -3.44
C GLY A 110 14.30 -2.83 -2.95
N VAL A 111 13.39 -3.35 -3.76
CA VAL A 111 12.68 -4.58 -3.39
C VAL A 111 13.48 -5.84 -3.77
N SER A 112 13.78 -6.71 -2.81
CA SER A 112 14.50 -7.94 -3.09
C SER A 112 13.63 -9.12 -3.47
N GLY A 113 12.45 -9.19 -2.89
CA GLY A 113 11.55 -10.30 -3.16
C GLY A 113 10.40 -10.28 -2.16
N LEU A 114 9.66 -11.39 -2.05
CA LEU A 114 8.56 -11.53 -1.10
C LEU A 114 8.80 -12.78 -0.38
N VAL A 115 8.20 -12.92 0.80
CA VAL A 115 8.37 -14.09 1.62
C VAL A 115 7.03 -14.40 2.18
N THR A 116 6.71 -15.69 2.30
CA THR A 116 5.40 -16.11 2.79
C THR A 116 5.53 -17.14 3.90
N ILE A 117 4.49 -17.20 4.70
CA ILE A 117 4.49 -18.13 5.83
C ILE A 117 4.47 -19.55 5.26
N GLU A 118 3.82 -19.71 4.10
CA GLU A 118 3.72 -21.00 3.45
C GLU A 118 5.11 -21.58 3.15
N ASP A 119 6.01 -20.77 2.62
CA ASP A 119 7.34 -21.26 2.32
C ASP A 119 8.14 -21.58 3.59
N ILE A 120 7.92 -20.84 4.66
CA ILE A 120 8.62 -21.15 5.91
C ILE A 120 8.17 -22.54 6.42
N LEU A 121 6.88 -22.75 6.51
CA LEU A 121 6.31 -24.01 7.00
C LEU A 121 6.75 -25.19 6.16
N GLU A 122 6.75 -25.02 4.84
CA GLU A 122 7.21 -26.08 3.98
C GLU A 122 8.63 -26.51 4.38
N LEU A 123 9.43 -25.60 4.94
CA LEU A 123 10.81 -25.92 5.38
C LEU A 123 10.85 -26.83 6.61
N ILE A 124 10.18 -26.37 7.66
CA ILE A 124 10.09 -27.10 8.92
C ILE A 124 9.51 -28.52 8.74
N ALA B 1 -9.21 -5.56 12.46
CA ALA B 1 -9.24 -4.09 12.33
C ALA B 1 -8.95 -3.60 10.89
N ASP B 2 -9.41 -4.34 9.90
CA ASP B 2 -9.27 -3.94 8.49
C ASP B 2 -10.56 -3.72 7.75
N GLN B 3 -11.28 -2.79 8.33
CA GLN B 3 -12.49 -2.33 7.79
C GLN B 3 -12.02 -1.06 7.12
N ARG B 4 -12.81 -0.58 6.18
CA ARG B 4 -12.54 0.67 5.56
C ARG B 4 -13.44 1.70 6.25
N VAL B 5 -13.10 2.97 6.12
CA VAL B 5 -13.89 3.99 6.74
C VAL B 5 -15.37 3.82 6.47
N ARG B 6 -15.70 3.57 5.21
CA ARG B 6 -17.07 3.32 4.78
C ARG B 6 -17.84 2.30 5.64
N ASP B 7 -17.13 1.32 6.17
CA ASP B 7 -17.72 0.28 7.05
C ASP B 7 -18.17 0.76 8.44
N ILE B 8 -17.62 1.86 8.93
CA ILE B 8 -18.00 2.33 10.27
C ILE B 8 -18.59 3.73 10.25
N MSE B 9 -18.72 4.35 9.08
CA MSE B 9 -19.23 5.70 9.09
C MSE B 9 -20.74 5.78 9.32
O MSE B 9 -21.48 4.83 9.14
CB MSE B 9 -18.94 6.34 7.73
CG MSE B 9 -19.90 5.92 6.67
SE MSE B 9 -19.39 6.67 4.94
CE MSE B 9 -20.61 5.60 3.77
N ILE B 10 -21.17 6.98 9.67
CA ILE B 10 -22.57 7.32 9.74
C ILE B 10 -22.88 7.88 8.34
N PRO B 11 -23.76 7.23 7.59
CA PRO B 11 -24.03 7.72 6.24
C PRO B 11 -24.54 9.15 6.19
N ARG B 12 -24.23 9.84 5.09
CA ARG B 12 -24.64 11.23 4.87
C ARG B 12 -26.07 11.63 5.22
N SER B 13 -27.06 10.87 4.77
CA SER B 13 -28.46 11.23 5.08
C SER B 13 -28.88 11.04 6.57
N GLN B 14 -28.02 10.40 7.36
CA GLN B 14 -28.30 10.23 8.80
C GLN B 14 -27.44 11.15 9.72
N MSE B 15 -26.64 11.99 9.13
CA MSE B 15 -25.86 12.89 9.91
C MSE B 15 -26.83 13.96 10.43
O MSE B 15 -27.72 14.36 9.72
CB MSE B 15 -24.82 13.58 9.04
CG MSE B 15 -23.80 12.67 8.38
SE MSE B 15 -22.42 13.65 7.30
CE MSE B 15 -23.60 14.94 6.42
N ILE B 16 -26.64 14.39 11.69
CA ILE B 16 -27.38 15.50 12.25
C ILE B 16 -26.47 16.68 11.98
N THR B 17 -26.91 17.56 11.12
CA THR B 17 -26.13 18.67 10.65
C THR B 17 -26.88 19.96 10.96
N LEU B 18 -26.17 21.06 10.79
CA LEU B 18 -26.69 22.38 10.90
C LEU B 18 -26.44 23.10 9.58
N LYS B 19 -27.28 24.09 9.25
CA LYS B 19 -27.10 24.85 8.02
C LYS B 19 -26.28 26.05 8.39
N ARG B 20 -25.49 26.57 7.46
CA ARG B 20 -24.70 27.76 7.76
C ARG B 20 -25.58 29.04 7.85
N ASN B 21 -26.90 28.89 7.66
CA ASN B 21 -27.88 29.99 7.77
C ASN B 21 -28.86 29.90 8.99
N GLN B 22 -28.59 29.03 9.96
CA GLN B 22 -29.51 28.92 11.11
C GLN B 22 -29.14 29.86 12.23
N THR B 23 -30.16 30.42 12.88
CA THR B 23 -29.97 31.34 14.00
C THR B 23 -29.34 30.59 15.19
N LEU B 24 -28.92 31.34 16.20
CA LEU B 24 -28.33 30.72 17.36
C LEU B 24 -29.41 29.83 17.98
N ASP B 25 -30.62 30.37 18.08
CA ASP B 25 -31.72 29.62 18.71
C ASP B 25 -32.09 28.32 18.01
N GLU B 26 -32.10 28.31 16.68
CA GLU B 26 -32.43 27.13 15.89
C GLU B 26 -31.33 26.09 16.06
N CYS B 27 -30.07 26.53 16.03
CA CYS B 27 -28.95 25.60 16.28
C CYS B 27 -29.14 24.96 17.64
N LEU B 28 -29.44 25.76 18.67
CA LEU B 28 -29.62 25.23 20.01
C LEU B 28 -30.74 24.21 20.10
N ASP B 29 -31.87 24.46 19.43
CA ASP B 29 -33.00 23.52 19.44
C ASP B 29 -32.54 22.13 18.99
N VAL B 30 -31.75 22.09 17.93
CA VAL B 30 -31.25 20.84 17.37
C VAL B 30 -30.15 20.25 18.20
N ILE B 31 -29.26 21.12 18.68
CA ILE B 31 -28.19 20.65 19.50
C ILE B 31 -28.67 20.09 20.83
N ILE B 32 -29.62 20.78 21.49
CA ILE B 32 -30.10 20.35 22.80
C ILE B 32 -30.89 19.06 22.79
N GLU B 33 -31.68 18.81 21.75
CA GLU B 33 -32.49 17.58 21.66
C GLU B 33 -31.71 16.44 21.01
N SER B 34 -30.50 16.72 20.56
CA SER B 34 -29.63 15.69 19.95
C SER B 34 -28.69 14.95 20.89
N ALA B 35 -28.02 15.63 21.80
CA ALA B 35 -27.04 14.92 22.63
C ALA B 35 -25.63 14.75 22.00
N HIS B 36 -25.46 15.13 20.74
CA HIS B 36 -24.12 14.99 20.13
C HIS B 36 -23.27 16.19 20.49
N SER B 37 -21.95 16.01 20.53
CA SER B 37 -21.03 17.10 20.80
C SER B 37 -20.63 17.93 19.62
N ARG B 38 -20.58 17.32 18.42
CA ARG B 38 -20.16 17.99 17.17
C ARG B 38 -21.08 17.74 16.01
N PHE B 39 -21.19 18.72 15.14
CA PHE B 39 -22.13 18.71 14.04
C PHE B 39 -21.49 19.27 12.78
N PRO B 40 -21.64 18.59 11.64
CA PRO B 40 -21.15 19.21 10.43
C PRO B 40 -22.07 20.31 10.06
N VAL B 41 -21.54 21.31 9.41
CA VAL B 41 -22.31 22.45 8.97
C VAL B 41 -22.22 22.45 7.47
N ILE B 42 -23.37 22.61 6.82
CA ILE B 42 -23.44 22.53 5.36
C ILE B 42 -23.71 23.83 4.64
N SER B 43 -23.51 23.84 3.32
CA SER B 43 -23.87 25.01 2.51
C SER B 43 -25.28 25.02 1.86
N GLU B 44 -25.53 24.20 0.83
CA GLU B 44 -26.92 23.92 0.35
C GLU B 44 -27.29 22.44 0.48
N ASP B 47 -24.72 21.09 -0.41
CA ASP B 47 -23.91 20.46 -1.44
C ASP B 47 -22.46 20.18 -0.94
N HIS B 48 -22.02 20.86 0.12
CA HIS B 48 -20.64 20.70 0.65
C HIS B 48 -20.60 20.90 2.19
N ILE B 49 -19.58 20.37 2.87
CA ILE B 49 -19.44 20.60 4.32
C ILE B 49 -18.53 21.80 4.49
N GLU B 50 -18.98 22.83 5.20
CA GLU B 50 -18.16 23.99 5.42
C GLU B 50 -17.23 23.90 6.65
N GLY B 51 -17.57 23.02 7.57
CA GLY B 51 -16.79 22.86 8.77
C GLY B 51 -17.57 22.06 9.77
N ILE B 52 -17.04 22.05 10.99
CA ILE B 52 -17.59 21.33 12.10
C ILE B 52 -17.86 22.32 13.26
N LEU B 53 -19.02 22.20 13.88
CA LEU B 53 -19.37 23.01 15.01
C LEU B 53 -19.37 22.18 16.26
N MSE B 54 -18.64 22.65 17.27
CA MSE B 54 -18.67 21.97 18.56
C MSE B 54 -19.63 22.79 19.44
O MSE B 54 -19.48 23.98 19.58
CB MSE B 54 -17.29 21.92 19.15
CG MSE B 54 -17.15 21.07 20.45
SE MSE B 54 -15.38 21.51 21.25
CE MSE B 54 -15.38 20.22 22.79
N ALA B 55 -20.62 22.11 20.00
CA ALA B 55 -21.65 22.64 20.84
C ALA B 55 -21.09 23.56 21.95
N LYS B 56 -20.04 23.08 22.60
CA LYS B 56 -19.38 23.82 23.72
C LYS B 56 -18.95 25.21 23.29
N ASP B 57 -18.61 25.35 22.01
CA ASP B 57 -18.17 26.64 21.47
C ASP B 57 -19.26 27.73 21.34
N LEU B 58 -20.54 27.37 21.48
CA LEU B 58 -21.65 28.35 21.49
C LEU B 58 -21.75 29.06 22.84
N LEU B 59 -21.12 28.50 23.86
CA LEU B 59 -21.20 29.06 25.23
C LEU B 59 -20.89 30.57 25.38
N PRO B 60 -19.74 31.04 24.89
CA PRO B 60 -19.41 32.47 25.01
C PRO B 60 -20.45 33.38 24.31
N PHE B 61 -21.14 32.89 23.26
CA PHE B 61 -22.13 33.69 22.53
C PHE B 61 -23.47 33.82 23.20
N MSE B 62 -23.62 33.18 24.36
CA MSE B 62 -24.84 33.17 25.11
C MSE B 62 -24.76 34.01 26.38
O MSE B 62 -25.76 34.19 27.08
CB MSE B 62 -25.15 31.71 25.47
CG MSE B 62 -25.34 30.87 24.22
SE MSE B 62 -25.65 28.98 24.55
CE MSE B 62 -27.39 29.18 25.42
N ARG B 63 -23.58 34.57 26.65
CA ARG B 63 -23.40 35.39 27.84
C ARG B 63 -23.90 36.82 27.56
N SER B 64 -23.98 37.63 28.61
CA SER B 64 -24.47 39.02 28.52
C SER B 64 -23.74 39.82 27.47
N ASP B 65 -22.43 39.72 27.49
CA ASP B 65 -21.55 40.37 26.50
C ASP B 65 -22.14 40.19 25.11
N ALA B 66 -22.52 41.31 24.49
CA ALA B 66 -23.12 41.29 23.15
C ALA B 66 -22.89 39.96 22.42
N ALA B 68 -22.54 38.23 19.84
CA ALA B 68 -22.98 38.57 18.48
C ALA B 68 -22.70 37.35 17.59
N PHE B 69 -23.67 36.45 17.49
CA PHE B 69 -23.40 35.21 16.79
C PHE B 69 -23.40 35.12 15.26
N SER B 70 -22.40 34.44 14.73
CA SER B 70 -22.30 34.12 13.30
C SER B 70 -21.50 32.82 13.30
N MSE B 71 -21.94 31.87 12.49
CA MSE B 71 -21.29 30.57 12.40
C MSE B 71 -19.78 30.67 12.19
O MSE B 71 -19.00 29.97 12.85
CB MSE B 71 -21.92 29.80 11.23
CG MSE B 71 -21.47 28.34 11.15
SE MSE B 71 -22.13 27.41 12.72
CE MSE B 71 -24.06 27.34 12.27
N ASP B 72 -19.38 31.60 11.33
CA ASP B 72 -17.99 31.83 10.94
C ASP B 72 -17.05 32.05 12.11
N LYS B 73 -17.61 32.45 13.24
CA LYS B 73 -16.81 32.68 14.43
C LYS B 73 -16.52 31.43 15.22
N VAL B 74 -17.31 30.38 15.03
CA VAL B 74 -17.14 29.17 15.82
C VAL B 74 -16.74 27.92 15.05
N LEU B 75 -16.97 27.94 13.76
CA LEU B 75 -16.77 26.80 12.85
C LEU B 75 -15.32 26.39 12.76
N ARG B 76 -15.04 25.11 12.85
CA ARG B 76 -13.67 24.67 12.68
C ARG B 76 -13.60 23.97 11.34
N THR B 77 -12.40 23.87 10.82
CA THR B 77 -12.17 23.16 9.58
C THR B 77 -12.44 21.67 9.75
N ALA B 78 -13.24 21.16 8.87
CA ALA B 78 -13.54 19.75 8.92
C ALA B 78 -12.43 18.94 8.24
N VAL B 79 -11.90 17.99 8.97
CA VAL B 79 -10.94 17.07 8.48
C VAL B 79 -11.74 16.08 7.58
N VAL B 80 -11.14 15.71 6.47
CA VAL B 80 -11.76 14.84 5.46
C VAL B 80 -10.95 13.57 5.29
N VAL B 81 -11.62 12.46 4.96
CA VAL B 81 -10.95 11.16 4.75
C VAL B 81 -11.64 10.38 3.60
N PRO B 82 -10.86 9.66 2.77
CA PRO B 82 -11.49 8.87 1.69
C PRO B 82 -12.29 7.69 2.29
N GLU B 83 -13.44 7.36 1.72
CA GLU B 83 -14.27 6.28 2.25
C GLU B 83 -13.56 4.95 2.09
N SER B 84 -12.58 4.89 1.19
CA SER B 84 -11.77 3.70 0.97
C SER B 84 -10.60 3.55 1.88
N LYS B 85 -10.22 4.58 2.63
CA LYS B 85 -9.09 4.41 3.51
C LYS B 85 -9.33 3.33 4.54
N ARG B 86 -8.30 2.54 4.82
CA ARG B 86 -8.38 1.48 5.85
C ARG B 86 -8.37 2.17 7.20
N VAL B 87 -9.18 1.69 8.14
CA VAL B 87 -9.26 2.31 9.44
C VAL B 87 -7.88 2.44 10.12
N ASP B 88 -7.02 1.43 10.00
CA ASP B 88 -5.71 1.48 10.63
C ASP B 88 -4.82 2.55 10.05
N ARG B 89 -4.96 2.79 8.76
CA ARG B 89 -4.18 3.79 8.10
C ARG B 89 -4.55 5.17 8.56
N MSE B 90 -5.85 5.38 8.66
CA MSE B 90 -6.36 6.67 9.06
C MSE B 90 -5.82 7.00 10.45
O MSE B 90 -5.32 8.11 10.70
CB MSE B 90 -7.89 6.65 9.06
CG MSE B 90 -8.46 7.89 9.60
SE MSE B 90 -10.41 7.77 9.81
CE MSE B 90 -10.50 5.95 10.60
N LEU B 91 -5.90 6.03 11.34
CA LEU B 91 -5.38 6.16 12.70
C LEU B 91 -3.92 6.51 12.78
N LYS B 92 -3.07 5.80 12.06
CA LYS B 92 -1.63 6.08 12.10
C LYS B 92 -1.36 7.45 11.51
N GLU B 93 -2.06 7.80 10.43
CA GLU B 93 -1.82 9.08 9.79
C GLU B 93 -2.28 10.26 10.64
N PHE B 94 -3.31 10.08 11.45
CA PHE B 94 -3.74 11.13 12.38
C PHE B 94 -3.09 11.08 13.73
N ARG B 95 -2.14 10.19 13.95
CA ARG B 95 -1.47 10.14 15.27
C ARG B 95 -0.98 11.48 15.81
N SER B 96 -1.19 11.67 17.13
CA SER B 96 -0.80 12.87 17.85
C SER B 96 -1.75 14.07 17.65
N GLN B 97 -2.68 14.00 16.70
CA GLN B 97 -3.67 15.04 16.51
C GLN B 97 -4.90 14.77 17.33
N ARG B 98 -5.68 15.80 17.62
CA ARG B 98 -6.94 15.63 18.34
C ARG B 98 -8.04 16.16 17.42
N TYR B 99 -8.77 15.24 16.78
CA TYR B 99 -9.72 15.58 15.71
C TYR B 99 -11.18 15.26 15.89
N HIS B 100 -11.46 14.22 16.67
CA HIS B 100 -12.80 13.73 17.01
C HIS B 100 -13.60 13.17 15.86
N MSE B 101 -13.84 14.01 14.87
CA MSE B 101 -14.72 13.67 13.80
C MSE B 101 -14.13 14.01 12.47
O MSE B 101 -13.37 14.94 12.33
CB MSE B 101 -16.01 14.49 14.03
CG MSE B 101 -17.04 14.42 12.89
SE MSE B 101 -18.67 15.56 13.17
CE MSE B 101 -19.59 14.38 14.49
N ALA B 102 -14.40 13.20 11.48
CA ALA B 102 -14.00 13.50 10.13
C ALA B 102 -15.19 13.28 9.19
N ILE B 103 -15.20 14.00 8.09
CA ILE B 103 -16.18 13.89 7.05
C ILE B 103 -15.56 12.93 6.06
N VAL B 104 -16.37 11.98 5.57
CA VAL B 104 -15.90 10.93 4.70
C VAL B 104 -16.36 11.31 3.29
N ILE B 105 -15.43 11.28 2.34
CA ILE B 105 -15.74 11.58 0.95
C ILE B 105 -15.47 10.41 0.02
N ASP B 106 -16.17 10.36 -1.10
CA ASP B 106 -16.00 9.28 -2.05
C ASP B 106 -14.91 9.62 -3.07
N GLU B 107 -14.64 8.67 -3.94
CA GLU B 107 -13.64 8.85 -5.00
C GLU B 107 -13.94 10.05 -5.92
N PHE B 108 -15.17 10.56 -5.92
CA PHE B 108 -15.49 11.69 -6.79
C PHE B 108 -15.48 13.01 -6.07
N GLY B 109 -15.21 13.04 -4.76
CA GLY B 109 -15.24 14.28 -3.99
C GLY B 109 -16.51 14.53 -3.18
N GLY B 110 -17.53 13.70 -3.39
CA GLY B 110 -18.81 13.86 -2.69
C GLY B 110 -18.83 13.42 -1.21
N VAL B 111 -19.70 14.02 -0.45
CA VAL B 111 -19.82 13.64 0.95
C VAL B 111 -20.64 12.37 1.07
N SER B 112 -20.02 11.37 1.70
CA SER B 112 -20.64 10.08 1.95
C SER B 112 -21.14 9.96 3.37
N GLY B 113 -20.55 10.69 4.31
CA GLY B 113 -20.93 10.57 5.70
C GLY B 113 -19.84 11.11 6.63
N LEU B 114 -19.96 10.80 7.89
CA LEU B 114 -19.02 11.24 8.87
C LEU B 114 -18.54 10.07 9.67
N VAL B 115 -17.35 10.17 10.21
CA VAL B 115 -16.84 9.12 11.10
C VAL B 115 -16.29 9.75 12.37
N THR B 116 -16.47 9.07 13.50
CA THR B 116 -15.96 9.58 14.76
C THR B 116 -15.10 8.56 15.45
N ILE B 117 -14.23 9.05 16.33
CA ILE B 117 -13.35 8.22 17.14
C ILE B 117 -14.13 7.20 17.99
N GLU B 118 -15.34 7.52 18.44
CA GLU B 118 -16.14 6.53 19.19
C GLU B 118 -16.59 5.39 18.33
N ASP B 119 -16.86 5.64 17.04
CA ASP B 119 -17.18 4.57 16.16
C ASP B 119 -15.91 3.73 15.88
N ILE B 120 -14.74 4.33 15.94
CA ILE B 120 -13.51 3.58 15.74
C ILE B 120 -13.28 2.78 17.00
N LEU B 121 -13.53 3.39 18.17
CA LEU B 121 -13.39 2.66 19.46
C LEU B 121 -14.38 1.47 19.57
N GLU B 122 -15.58 1.65 19.03
CA GLU B 122 -16.61 0.59 19.04
C GLU B 122 -16.08 -0.60 18.25
N LEU B 123 -15.44 -0.29 17.13
CA LEU B 123 -14.81 -1.28 16.30
C LEU B 123 -13.65 -1.94 17.04
N ILE B 124 -12.85 -1.17 17.76
CA ILE B 124 -11.70 -1.77 18.46
C ILE B 124 -12.08 -2.68 19.64
N VAL B 125 -13.06 -2.27 20.42
CA VAL B 125 -13.53 -3.02 21.58
C VAL B 125 -13.95 -4.44 21.22
N GLY B 126 -14.59 -4.60 20.06
CA GLY B 126 -15.01 -5.93 19.59
C GLY B 126 -13.86 -6.67 18.92
N ASP C 2 -8.15 39.98 10.63
CA ASP C 2 -8.22 40.61 9.27
C ASP C 2 -7.54 39.73 8.19
N GLN C 3 -6.30 39.38 8.46
CA GLN C 3 -5.49 38.59 7.56
C GLN C 3 -6.04 37.19 7.33
N ARG C 4 -5.83 36.67 6.13
CA ARG C 4 -6.27 35.33 5.75
C ARG C 4 -5.07 34.46 5.44
N VAL C 5 -5.24 33.14 5.48
CA VAL C 5 -4.13 32.22 5.23
C VAL C 5 -3.44 32.53 3.88
N ARG C 6 -4.21 32.97 2.88
CA ARG C 6 -3.61 33.28 1.58
C ARG C 6 -2.60 34.38 1.66
N ASP C 7 -2.66 35.22 2.67
CA ASP C 7 -1.72 36.33 2.84
C ASP C 7 -0.32 35.89 3.36
N ILE C 8 -0.24 34.73 3.95
CA ILE C 8 1.02 34.22 4.51
C ILE C 8 1.44 32.81 4.02
N MSE C 9 0.70 32.23 3.08
CA MSE C 9 1.06 30.91 2.63
C MSE C 9 2.26 30.94 1.69
O MSE C 9 2.55 31.93 1.03
CB MSE C 9 -0.13 30.25 1.90
CG MSE C 9 -0.47 30.93 0.66
SE MSE C 9 -1.93 30.09 -0.29
CE MSE C 9 -1.90 31.35 -1.88
N ILE C 10 2.91 29.80 1.61
CA ILE C 10 3.97 29.55 0.71
C ILE C 10 3.21 29.00 -0.53
N PRO C 11 3.29 29.69 -1.65
CA PRO C 11 2.61 29.14 -2.83
C PRO C 11 3.07 27.76 -3.33
N ARG C 12 2.12 27.07 -3.95
CA ARG C 12 2.27 25.77 -4.54
C ARG C 12 3.60 25.51 -5.25
N SER C 13 3.95 26.40 -6.16
CA SER C 13 5.22 26.27 -6.91
C SER C 13 6.50 26.27 -6.07
N GLN C 14 6.47 26.89 -4.90
CA GLN C 14 7.63 26.98 -4.01
C GLN C 14 7.68 25.88 -2.96
N MSE C 15 6.68 25.02 -2.88
CA MSE C 15 6.67 23.97 -1.86
C MSE C 15 7.72 22.95 -2.27
O MSE C 15 7.80 22.53 -3.42
CB MSE C 15 5.31 23.27 -1.70
CG MSE C 15 4.12 24.21 -1.48
SE MSE C 15 2.43 23.13 -1.37
CE MSE C 15 2.47 22.05 -2.98
N ILE C 16 8.49 22.55 -1.29
CA ILE C 16 9.51 21.53 -1.39
C ILE C 16 8.76 20.28 -0.96
N THR C 17 8.62 19.31 -1.86
CA THR C 17 7.85 18.11 -1.62
C THR C 17 8.65 16.82 -1.83
N LEU C 18 8.04 15.69 -1.46
CA LEU C 18 8.55 14.34 -1.62
C LEU C 18 7.45 13.57 -2.31
N LYS C 19 7.82 12.52 -3.06
CA LYS C 19 6.87 11.68 -3.76
C LYS C 19 6.60 10.44 -2.91
N ARG C 20 5.35 10.02 -2.90
CA ARG C 20 4.84 8.88 -2.11
C ARG C 20 5.70 7.59 -2.22
N ASN C 21 6.20 7.32 -3.42
CA ASN C 21 7.01 6.14 -3.77
C ASN C 21 8.56 6.28 -3.64
N GLN C 22 9.06 7.36 -3.05
CA GLN C 22 10.52 7.53 -2.93
C GLN C 22 11.15 6.64 -1.88
N THR C 23 12.39 6.27 -2.11
CA THR C 23 13.11 5.44 -1.16
C THR C 23 13.62 6.38 -0.05
N LEU C 24 14.08 5.79 1.05
CA LEU C 24 14.59 6.56 2.18
C LEU C 24 15.71 7.53 1.70
N ASP C 25 16.65 6.99 0.94
CA ASP C 25 17.76 7.74 0.37
C ASP C 25 17.38 8.88 -0.59
N GLU C 26 16.32 8.71 -1.35
CA GLU C 26 15.84 9.72 -2.25
C GLU C 26 15.22 10.85 -1.39
N CYS C 27 14.53 10.47 -0.31
CA CYS C 27 13.95 11.41 0.62
C CYS C 27 15.05 12.20 1.28
N LEU C 28 16.07 11.50 1.79
CA LEU C 28 17.16 12.10 2.52
C LEU C 28 17.89 13.11 1.66
N ASP C 29 18.05 12.82 0.38
CA ASP C 29 18.74 13.73 -0.50
C ASP C 29 18.00 15.07 -0.50
N VAL C 30 16.69 15.01 -0.67
CA VAL C 30 15.86 16.21 -0.68
C VAL C 30 15.82 16.90 0.69
N ILE C 31 15.66 16.12 1.73
CA ILE C 31 15.55 16.67 3.09
C ILE C 31 16.83 17.32 3.56
N ILE C 32 17.96 16.69 3.30
CA ILE C 32 19.23 17.23 3.78
C ILE C 32 19.55 18.53 3.08
N GLU C 33 19.33 18.62 1.78
CA GLU C 33 19.64 19.82 1.05
C GLU C 33 18.69 20.98 1.43
N SER C 34 17.63 20.69 2.18
CA SER C 34 16.62 21.67 2.59
C SER C 34 16.72 22.01 4.06
N ALA C 35 16.37 23.22 4.40
CA ALA C 35 16.37 23.58 5.81
C ALA C 35 15.10 23.10 6.52
N HIS C 36 14.10 22.62 5.76
CA HIS C 36 12.79 22.33 6.34
C HIS C 36 12.62 21.05 7.16
N SER C 37 11.72 21.13 8.12
CA SER C 37 11.39 20.00 9.00
C SER C 37 10.30 19.10 8.50
N ARG C 38 9.39 19.68 7.74
CA ARG C 38 8.23 18.99 7.22
C ARG C 38 8.07 19.21 5.71
N PHE C 39 7.56 18.19 5.04
CA PHE C 39 7.39 18.18 3.58
C PHE C 39 6.08 17.55 3.15
N PRO C 40 5.30 18.24 2.32
CA PRO C 40 4.13 17.57 1.76
C PRO C 40 4.59 16.40 0.87
N VAL C 41 3.77 15.35 0.82
CA VAL C 41 4.13 14.16 0.04
C VAL C 41 3.11 14.06 -1.01
N ILE C 42 3.57 13.95 -2.27
CA ILE C 42 2.63 13.92 -3.36
C ILE C 42 2.58 12.66 -4.16
N SER C 43 1.49 12.48 -4.86
CA SER C 43 1.39 11.36 -5.77
C SER C 43 1.68 11.76 -7.20
N GLU C 44 0.76 12.30 -7.98
CA GLU C 44 1.19 12.63 -9.35
C GLU C 44 1.63 14.09 -9.69
N ASP C 45 1.25 15.03 -8.86
CA ASP C 45 1.60 16.45 -9.01
C ASP C 45 1.31 17.11 -7.65
N LYS C 46 1.65 18.41 -7.52
CA LYS C 46 1.42 19.16 -6.29
C LYS C 46 -0.04 19.44 -6.02
N ASP C 47 -0.94 19.16 -6.97
CA ASP C 47 -2.36 19.26 -6.70
C ASP C 47 -2.89 18.00 -5.98
N HIS C 48 -2.08 16.94 -5.83
CA HIS C 48 -2.48 15.68 -5.13
C HIS C 48 -1.53 15.34 -3.99
N ILE C 49 -1.81 15.92 -2.84
CA ILE C 49 -1.02 15.77 -1.61
C ILE C 49 -1.64 14.65 -0.81
N GLU C 50 -0.87 13.58 -0.57
CA GLU C 50 -1.37 12.44 0.19
C GLU C 50 -1.09 12.52 1.68
N GLY C 51 -0.17 13.39 2.07
CA GLY C 51 0.17 13.53 3.46
C GLY C 51 1.38 14.42 3.64
N ILE C 52 1.96 14.34 4.82
CA ILE C 52 3.12 15.15 5.23
C ILE C 52 4.11 14.23 5.87
N LEU C 53 5.37 14.53 5.67
CA LEU C 53 6.42 13.78 6.28
C LEU C 53 7.28 14.69 7.12
N MSE C 54 7.57 14.23 8.32
CA MSE C 54 8.41 14.95 9.26
C MSE C 54 9.79 14.31 9.26
O MSE C 54 9.93 13.12 9.56
CB MSE C 54 7.81 14.89 10.65
CG MSE C 54 8.64 15.69 11.63
SE MSE C 54 8.01 15.51 13.46
CE MSE C 54 9.15 16.88 14.32
N ALA C 55 10.82 15.09 8.96
CA ALA C 55 12.18 14.60 8.82
C ALA C 55 12.65 13.80 10.00
N LYS C 56 12.41 14.33 11.18
CA LYS C 56 12.75 13.67 12.45
C LYS C 56 12.19 12.24 12.58
N ASP C 57 11.06 11.92 11.93
CA ASP C 57 10.47 10.57 12.01
C ASP C 57 11.32 9.53 11.24
N LEU C 58 12.30 9.97 10.48
CA LEU C 58 13.18 9.05 9.77
C LEU C 58 14.31 8.48 10.62
N LEU C 59 14.63 9.15 11.73
CA LEU C 59 15.78 8.74 12.55
C LEU C 59 15.84 7.27 12.95
N PRO C 60 14.73 6.70 13.46
CA PRO C 60 14.82 5.29 13.83
C PRO C 60 15.22 4.35 12.67
N PHE C 61 14.79 4.68 11.45
CA PHE C 61 15.04 3.81 10.29
C PHE C 61 16.45 3.81 9.79
N MSE C 62 17.26 4.72 10.33
CA MSE C 62 18.64 4.88 9.92
C MSE C 62 19.58 4.09 10.80
O MSE C 62 20.79 3.99 10.49
CB MSE C 62 18.99 6.34 10.15
CG MSE C 62 18.07 7.31 9.53
SE MSE C 62 18.62 7.66 7.77
CE MSE C 62 18.62 5.91 6.89
N ARG C 63 19.08 3.52 11.90
CA ARG C 63 19.96 2.81 12.84
C ARG C 63 20.30 1.38 12.41
N SER C 64 21.40 0.86 12.93
CA SER C 64 21.91 -0.49 12.58
C SER C 64 20.92 -1.65 12.48
N ASP C 65 20.08 -1.83 13.50
CA ASP C 65 19.13 -2.97 13.48
C ASP C 65 17.67 -2.50 13.34
N ALA C 66 17.46 -1.42 12.60
CA ALA C 66 16.11 -0.86 12.47
C ALA C 66 15.16 -1.65 11.58
N GLU C 67 13.88 -1.34 11.74
CA GLU C 67 12.85 -1.87 10.89
C GLU C 67 13.12 -1.35 9.45
N ALA C 68 12.57 -2.05 8.48
CA ALA C 68 12.72 -1.61 7.11
C ALA C 68 11.79 -0.40 6.95
N PHE C 69 12.24 0.59 6.22
CA PHE C 69 11.46 1.77 5.97
C PHE C 69 10.40 1.57 4.88
N SER C 70 9.25 2.19 5.12
CA SER C 70 8.20 2.30 4.13
C SER C 70 7.56 3.65 4.48
N MSE C 71 7.09 4.36 3.47
CA MSE C 71 6.46 5.65 3.67
C MSE C 71 5.21 5.51 4.60
O MSE C 71 4.94 6.40 5.36
CB MSE C 71 6.13 6.26 2.32
CG MSE C 71 5.47 7.61 2.33
SE MSE C 71 6.62 9.02 3.01
CE MSE C 71 7.96 9.02 1.52
N ASP C 72 4.46 4.41 4.52
CA ASP C 72 3.25 4.22 5.39
C ASP C 72 3.59 4.27 6.88
N LYS C 73 4.81 3.90 7.25
CA LYS C 73 5.19 3.95 8.67
C LYS C 73 5.41 5.36 9.22
N VAL C 74 5.58 6.36 8.34
CA VAL C 74 5.82 7.74 8.82
C VAL C 74 4.82 8.81 8.36
N LEU C 75 4.07 8.52 7.30
CA LEU C 75 3.16 9.53 6.74
C LEU C 75 2.17 10.04 7.75
N ARG C 76 1.94 11.35 7.69
CA ARG C 76 0.94 11.96 8.54
C ARG C 76 -0.08 12.64 7.63
N THR C 77 -1.29 12.80 8.14
CA THR C 77 -2.34 13.42 7.35
C THR C 77 -2.01 14.86 7.01
N ALA C 78 -2.44 15.27 5.84
CA ALA C 78 -2.28 16.67 5.39
C ALA C 78 -3.69 17.31 5.52
N VAL C 79 -3.89 18.16 6.50
CA VAL C 79 -5.17 18.84 6.70
C VAL C 79 -5.27 19.99 5.67
N VAL C 80 -6.42 20.15 5.05
CA VAL C 80 -6.63 21.13 4.02
C VAL C 80 -7.50 22.21 4.58
N VAL C 81 -7.15 23.47 4.30
CA VAL C 81 -7.92 24.60 4.75
C VAL C 81 -8.09 25.55 3.54
N PRO C 82 -9.13 26.36 3.56
CA PRO C 82 -9.34 27.28 2.46
C PRO C 82 -8.49 28.53 2.55
N GLU C 83 -8.25 29.15 1.41
CA GLU C 83 -7.46 30.36 1.30
C GLU C 83 -7.98 31.49 2.14
N SER C 84 -9.31 31.55 2.23
CA SER C 84 -10.00 32.59 2.95
C SER C 84 -10.06 32.43 4.48
N LYS C 85 -9.56 31.34 5.01
CA LYS C 85 -9.61 31.13 6.47
C LYS C 85 -8.81 32.23 7.19
N ARG C 86 -9.41 32.82 8.20
CA ARG C 86 -8.73 33.85 9.00
C ARG C 86 -7.53 33.28 9.76
N VAL C 87 -6.48 34.04 9.82
CA VAL C 87 -5.26 33.64 10.50
C VAL C 87 -5.45 33.36 12.00
N ASP C 88 -6.33 34.09 12.69
CA ASP C 88 -6.54 33.82 14.10
C ASP C 88 -7.20 32.45 14.27
N ARG C 89 -8.13 32.06 13.37
CA ARG C 89 -8.75 30.78 13.48
C ARG C 89 -7.77 29.66 13.17
N MSE C 90 -6.92 29.86 12.17
CA MSE C 90 -5.94 28.89 11.79
C MSE C 90 -5.02 28.65 12.99
O MSE C 90 -4.70 27.54 13.33
CB MSE C 90 -5.13 29.43 10.61
CG MSE C 90 -4.03 28.51 10.10
SE MSE C 90 -4.76 27.00 9.07
CE MSE C 90 -5.00 25.63 10.57
N LEU C 91 -4.62 29.73 13.66
CA LEU C 91 -3.75 29.57 14.83
C LEU C 91 -4.45 28.70 15.85
N LYS C 92 -5.67 29.07 16.17
CA LYS C 92 -6.45 28.30 17.14
C LYS C 92 -6.54 26.84 16.81
N GLU C 93 -6.79 26.52 15.54
CA GLU C 93 -6.88 25.13 15.11
C GLU C 93 -5.56 24.37 15.17
N PHE C 94 -4.47 25.01 14.79
CA PHE C 94 -3.17 24.35 14.88
C PHE C 94 -2.91 23.87 16.32
N ARG C 95 -3.22 24.71 17.28
CA ARG C 95 -2.97 24.44 18.68
C ARG C 95 -3.98 23.47 19.26
N SER C 96 -5.25 23.59 18.91
CA SER C 96 -6.24 22.65 19.45
C SER C 96 -6.17 21.25 18.82
N GLN C 97 -5.93 21.19 17.53
CA GLN C 97 -5.88 19.89 16.83
C GLN C 97 -4.47 19.28 16.96
N ARG C 98 -3.50 20.14 17.29
CA ARG C 98 -2.10 19.84 17.49
C ARG C 98 -1.28 19.46 16.27
N TYR C 99 -1.19 20.36 15.31
CA TYR C 99 -0.40 20.11 14.10
C TYR C 99 0.24 21.43 13.72
N HIS C 100 1.18 21.43 12.78
CA HIS C 100 1.92 22.62 12.53
C HIS C 100 1.90 23.10 11.09
N MSE C 101 1.44 22.26 10.16
CA MSE C 101 1.45 22.63 8.72
C MSE C 101 0.16 22.18 8.10
O MSE C 101 -0.33 21.11 8.42
CB MSE C 101 2.67 21.96 8.05
CG MSE C 101 2.62 22.07 6.50
SE MSE C 101 4.06 21.13 5.52
CE MSE C 101 5.50 22.50 6.02
N ALA C 102 -0.45 23.06 7.31
CA ALA C 102 -1.65 22.77 6.59
C ALA C 102 -1.46 23.08 5.13
N ILE C 103 -2.27 22.43 4.29
CA ILE C 103 -2.27 22.66 2.85
C ILE C 103 -3.46 23.55 2.58
N VAL C 104 -3.24 24.56 1.77
CA VAL C 104 -4.21 25.54 1.49
C VAL C 104 -4.80 25.30 0.09
N ILE C 105 -6.12 25.31 0.01
CA ILE C 105 -6.83 25.05 -1.23
C ILE C 105 -7.71 26.20 -1.68
N ASP C 106 -7.89 26.33 -2.99
CA ASP C 106 -8.74 27.37 -3.46
C ASP C 106 -10.17 26.86 -3.47
N GLU C 107 -11.11 27.73 -3.87
CA GLU C 107 -12.53 27.39 -3.99
C GLU C 107 -12.81 26.15 -4.78
N PHE C 108 -11.93 25.82 -5.73
CA PHE C 108 -12.18 24.67 -6.63
C PHE C 108 -11.51 23.37 -6.24
N GLY C 109 -10.85 23.33 -5.10
CA GLY C 109 -10.20 22.11 -4.62
C GLY C 109 -8.72 22.12 -5.00
N GLY C 110 -8.28 23.07 -5.80
CA GLY C 110 -6.87 23.07 -6.19
C GLY C 110 -5.99 23.53 -5.01
N VAL C 111 -4.81 22.95 -4.88
CA VAL C 111 -3.79 23.35 -3.89
C VAL C 111 -3.14 24.67 -4.31
N SER C 112 -3.21 25.64 -3.41
CA SER C 112 -2.66 26.97 -3.60
C SER C 112 -1.34 27.12 -2.90
N GLY C 113 -1.16 26.37 -1.82
CA GLY C 113 0.11 26.39 -1.11
C GLY C 113 0.05 25.68 0.21
N LEU C 114 1.01 25.99 1.07
CA LEU C 114 1.04 25.44 2.43
C LEU C 114 1.19 26.62 3.41
N VAL C 115 0.80 26.40 4.66
CA VAL C 115 0.91 27.48 5.69
C VAL C 115 1.42 26.80 6.91
N THR C 116 2.14 27.50 7.75
CA THR C 116 2.69 26.89 8.90
C THR C 116 2.52 27.82 10.13
N ILE C 117 2.54 27.25 11.33
CA ILE C 117 2.39 28.08 12.52
C ILE C 117 3.46 29.15 12.61
N GLU C 118 4.67 28.87 12.11
CA GLU C 118 5.73 29.87 12.18
C GLU C 118 5.47 31.08 11.27
N ASP C 119 4.76 30.88 10.13
CA ASP C 119 4.38 31.97 9.27
C ASP C 119 3.32 32.88 9.99
N ILE C 120 2.51 32.29 10.82
CA ILE C 120 1.55 33.04 11.56
C ILE C 120 2.29 33.87 12.60
N LEU C 121 3.26 33.30 13.27
CA LEU C 121 4.02 34.05 14.29
C LEU C 121 4.69 35.22 13.61
N GLU C 122 5.29 35.01 12.45
CA GLU C 122 5.99 36.09 11.77
C GLU C 122 5.00 37.21 11.46
N LEU C 123 3.77 36.87 11.09
CA LEU C 123 2.81 37.89 10.80
C LEU C 123 2.49 38.68 12.06
N ILE C 124 2.35 37.97 13.20
CA ILE C 124 2.02 38.58 14.46
C ILE C 124 3.14 39.53 14.90
N VAL C 125 4.38 39.09 14.84
CA VAL C 125 5.49 39.95 15.25
C VAL C 125 5.52 41.24 14.41
N GLY C 126 5.37 41.09 13.10
CA GLY C 126 5.36 42.20 12.16
C GLY C 126 4.42 43.32 12.55
N GLU C 127 3.38 42.98 13.29
CA GLU C 127 2.41 43.97 13.74
C GLU C 127 2.74 44.39 15.17
N GLN D 3 -3.25 -20.94 -30.12
CA GLN D 3 -2.17 -21.91 -29.62
C GLN D 3 -1.90 -21.76 -28.12
N ARG D 4 -2.05 -22.87 -27.39
CA ARG D 4 -1.90 -22.93 -25.96
C ARG D 4 -0.64 -23.73 -25.56
N VAL D 5 -0.20 -23.50 -24.33
CA VAL D 5 0.96 -24.15 -23.76
C VAL D 5 0.84 -25.64 -23.91
N ARG D 6 -0.35 -26.16 -23.67
CA ARG D 6 -0.66 -27.56 -23.83
C ARG D 6 -0.14 -28.09 -25.18
N ASP D 7 -0.26 -27.27 -26.23
CA ASP D 7 0.12 -27.67 -27.59
C ASP D 7 1.62 -27.75 -27.88
N ILE D 8 2.45 -27.14 -27.02
CA ILE D 8 3.89 -27.13 -27.24
C ILE D 8 4.72 -27.64 -26.04
N MSE D 9 4.05 -28.04 -24.97
CA MSE D 9 4.78 -28.50 -23.82
C MSE D 9 5.35 -29.88 -24.05
O MSE D 9 4.88 -30.63 -24.89
CB MSE D 9 3.87 -28.55 -22.60
CG MSE D 9 2.79 -29.55 -22.74
SE MSE D 9 1.66 -29.67 -21.14
CE MSE D 9 0.56 -31.16 -21.77
N ILE D 10 6.38 -30.20 -23.29
CA ILE D 10 6.91 -31.54 -23.24
C ILE D 10 6.06 -32.23 -22.15
N PRO D 11 5.35 -33.33 -22.48
CA PRO D 11 4.49 -34.00 -21.50
C PRO D 11 5.25 -34.57 -20.29
N ARG D 12 4.58 -34.62 -19.16
CA ARG D 12 5.17 -35.13 -17.90
C ARG D 12 6.01 -36.44 -18.09
N SER D 13 5.43 -37.39 -18.80
CA SER D 13 6.06 -38.70 -19.08
C SER D 13 7.38 -38.63 -19.80
N GLN D 14 7.63 -37.54 -20.53
CA GLN D 14 8.86 -37.34 -21.26
C GLN D 14 9.82 -36.37 -20.55
N MSE D 15 9.43 -35.82 -19.40
CA MSE D 15 10.30 -34.84 -18.73
C MSE D 15 11.53 -35.52 -18.19
O MSE D 15 11.41 -36.56 -17.57
CB MSE D 15 9.57 -34.16 -17.59
CG MSE D 15 8.47 -33.24 -18.03
SE MSE D 15 7.72 -32.24 -16.46
CE MSE D 15 7.66 -33.57 -15.02
N ILE D 16 12.70 -34.94 -18.38
CA ILE D 16 13.89 -35.55 -17.81
C ILE D 16 14.14 -34.78 -16.51
N THR D 17 14.04 -35.49 -15.41
CA THR D 17 14.09 -34.86 -14.09
C THR D 17 15.21 -35.40 -13.24
N LEU D 18 15.53 -34.71 -12.16
CA LEU D 18 16.54 -35.16 -11.22
C LEU D 18 15.87 -35.26 -9.83
N LYS D 19 16.31 -36.15 -8.96
CA LYS D 19 15.75 -36.27 -7.59
C LYS D 19 16.51 -35.39 -6.61
N ARG D 20 15.79 -34.76 -5.70
CA ARG D 20 16.40 -33.84 -4.75
C ARG D 20 17.54 -34.43 -3.92
N ASN D 21 17.48 -35.73 -3.65
CA ASN D 21 18.47 -36.44 -2.84
C ASN D 21 19.51 -37.19 -3.68
N GLN D 22 19.70 -36.84 -4.94
CA GLN D 22 20.67 -37.56 -5.80
C GLN D 22 22.07 -37.04 -5.65
N THR D 23 23.00 -37.97 -5.73
CA THR D 23 24.41 -37.66 -5.64
C THR D 23 24.87 -36.95 -6.91
N LEU D 24 26.01 -36.27 -6.81
CA LEU D 24 26.55 -35.56 -7.94
C LEU D 24 26.75 -36.49 -9.14
N ASP D 25 27.31 -37.69 -8.95
CA ASP D 25 27.52 -38.60 -10.11
C ASP D 25 26.23 -39.00 -10.76
N GLU D 26 25.23 -39.28 -9.94
CA GLU D 26 23.96 -39.68 -10.47
C GLU D 26 23.32 -38.53 -11.29
N CYS D 27 23.35 -37.28 -10.78
CA CYS D 27 22.87 -36.13 -11.54
C CYS D 27 23.64 -36.04 -12.84
N LEU D 28 24.98 -36.12 -12.77
CA LEU D 28 25.79 -36.02 -13.96
C LEU D 28 25.43 -37.05 -15.01
N ASP D 29 25.25 -38.30 -14.62
CA ASP D 29 24.85 -39.30 -15.60
C ASP D 29 23.62 -38.88 -16.40
N VAL D 30 22.59 -38.42 -15.68
CA VAL D 30 21.33 -37.99 -16.31
C VAL D 30 21.51 -36.79 -17.21
N ILE D 31 22.21 -35.77 -16.73
CA ILE D 31 22.48 -34.55 -17.47
C ILE D 31 23.24 -34.83 -18.78
N ILE D 32 24.33 -35.58 -18.64
CA ILE D 32 25.18 -35.97 -19.77
C ILE D 32 24.41 -36.77 -20.82
N GLU D 33 23.70 -37.80 -20.39
CA GLU D 33 22.94 -38.65 -21.29
C GLU D 33 21.83 -37.87 -22.02
N SER D 34 21.11 -37.01 -21.31
CA SER D 34 20.05 -36.25 -21.97
C SER D 34 20.48 -35.06 -22.79
N ALA D 35 21.60 -34.45 -22.42
CA ALA D 35 22.13 -33.24 -23.05
C ALA D 35 21.31 -31.93 -22.82
N HIS D 36 20.35 -31.92 -21.91
CA HIS D 36 19.59 -30.72 -21.68
C HIS D 36 20.32 -29.76 -20.75
N SER D 37 19.90 -28.50 -20.78
CA SER D 37 20.46 -27.48 -19.91
C SER D 37 19.82 -27.36 -18.52
N ARG D 38 18.51 -27.56 -18.43
CA ARG D 38 17.72 -27.40 -17.17
C ARG D 38 16.85 -28.63 -16.94
N PHE D 39 16.58 -28.88 -15.66
CA PHE D 39 15.89 -30.06 -15.23
C PHE D 39 15.02 -29.76 -14.06
N PRO D 40 13.76 -30.19 -14.14
CA PRO D 40 12.96 -30.05 -12.96
C PRO D 40 13.57 -30.98 -11.91
N VAL D 41 13.54 -30.55 -10.63
CA VAL D 41 14.03 -31.37 -9.51
C VAL D 41 12.85 -31.83 -8.68
N ILE D 42 12.76 -33.14 -8.49
CA ILE D 42 11.57 -33.69 -7.80
C ILE D 42 11.88 -34.34 -6.49
N SER D 43 10.84 -34.53 -5.71
CA SER D 43 10.99 -35.21 -4.40
C SER D 43 10.32 -36.57 -4.53
N GLU D 44 9.03 -36.66 -4.26
CA GLU D 44 8.40 -37.98 -4.32
C GLU D 44 8.32 -38.53 -5.74
N ASP D 45 7.83 -37.73 -6.66
CA ASP D 45 7.59 -38.13 -8.04
C ASP D 45 7.49 -36.85 -8.88
N LYS D 46 7.09 -36.98 -10.12
CA LYS D 46 7.05 -35.85 -11.00
C LYS D 46 5.93 -34.86 -10.70
N ASP D 47 4.96 -35.19 -9.84
CA ASP D 47 3.95 -34.18 -9.46
C ASP D 47 4.45 -33.30 -8.33
N HIS D 48 5.59 -33.67 -7.77
CA HIS D 48 6.19 -32.98 -6.64
C HIS D 48 7.50 -32.33 -7.06
N ILE D 49 7.37 -31.22 -7.76
CA ILE D 49 8.49 -30.48 -8.25
C ILE D 49 8.97 -29.46 -7.20
N GLU D 50 10.22 -29.61 -6.81
CA GLU D 50 10.84 -28.77 -5.78
C GLU D 50 11.58 -27.55 -6.33
N GLY D 51 11.93 -27.60 -7.60
CA GLY D 51 12.68 -26.50 -8.17
C GLY D 51 13.23 -26.93 -9.51
N ILE D 52 14.12 -26.09 -10.07
CA ILE D 52 14.76 -26.33 -11.37
C ILE D 52 16.26 -26.21 -11.14
N LEU D 53 17.02 -27.09 -11.76
CA LEU D 53 18.46 -27.02 -11.65
C LEU D 53 19.01 -26.77 -13.02
N MSE D 54 19.97 -25.84 -13.13
CA MSE D 54 20.61 -25.59 -14.41
C MSE D 54 21.93 -26.31 -14.35
O MSE D 54 22.70 -26.11 -13.43
CB MSE D 54 21.01 -24.13 -14.68
CG MSE D 54 20.00 -23.12 -15.08
SE MSE D 54 21.08 -21.66 -15.98
CE MSE D 54 21.51 -22.58 -17.67
N ALA D 55 22.25 -27.03 -15.39
CA ALA D 55 23.48 -27.81 -15.45
C ALA D 55 24.72 -26.95 -15.24
N LYS D 56 24.73 -25.74 -15.79
CA LYS D 56 25.91 -24.86 -15.65
C LYS D 56 26.19 -24.49 -14.20
N ASP D 57 25.16 -24.41 -13.36
CA ASP D 57 25.38 -24.13 -11.96
C ASP D 57 26.18 -25.22 -11.23
N LEU D 58 26.46 -26.34 -11.89
CA LEU D 58 27.26 -27.37 -11.29
C LEU D 58 28.75 -27.10 -11.41
N LEU D 59 29.11 -26.25 -12.35
CA LEU D 59 30.52 -25.97 -12.59
C LEU D 59 31.38 -25.51 -11.40
N PRO D 60 30.85 -24.66 -10.51
CA PRO D 60 31.70 -24.26 -9.39
C PRO D 60 32.20 -25.44 -8.57
N PHE D 61 31.53 -26.61 -8.64
CA PHE D 61 32.01 -27.79 -7.85
C PHE D 61 33.16 -28.57 -8.48
N MSE D 62 33.54 -28.16 -9.68
CA MSE D 62 34.67 -28.77 -10.39
C MSE D 62 35.94 -28.00 -10.02
O MSE D 62 37.05 -28.46 -10.27
CB MSE D 62 34.41 -28.67 -11.89
CG MSE D 62 35.39 -29.37 -12.78
SE MSE D 62 34.82 -29.23 -14.68
CE MSE D 62 36.21 -30.32 -15.53
N ARG D 63 35.81 -26.82 -9.44
CA ARG D 63 37.01 -26.04 -9.12
C ARG D 63 37.79 -26.82 -8.04
N SER D 64 39.10 -26.66 -8.05
CA SER D 64 39.95 -27.43 -7.15
C SER D 64 39.68 -27.24 -5.67
N ASP D 65 39.40 -26.01 -5.25
CA ASP D 65 39.20 -25.77 -3.82
C ASP D 65 37.71 -25.65 -3.43
N ALA D 66 36.81 -26.23 -4.21
CA ALA D 66 35.36 -26.18 -3.95
C ALA D 66 34.88 -26.96 -2.74
N GLU D 67 33.72 -26.54 -2.22
CA GLU D 67 33.06 -27.22 -1.13
C GLU D 67 32.34 -28.37 -1.80
N ALA D 68 31.79 -29.30 -1.02
CA ALA D 68 31.07 -30.44 -1.59
C ALA D 68 29.70 -30.03 -2.18
N PHE D 69 29.34 -30.68 -3.26
CA PHE D 69 28.07 -30.40 -3.91
C PHE D 69 26.89 -30.72 -3.01
N SER D 70 25.86 -29.88 -3.06
CA SER D 70 24.59 -30.13 -2.40
C SER D 70 23.53 -29.49 -3.29
N MSE D 71 22.39 -30.15 -3.41
CA MSE D 71 21.30 -29.64 -4.22
C MSE D 71 20.75 -28.29 -3.72
O MSE D 71 20.35 -27.42 -4.49
CB MSE D 71 20.15 -30.62 -4.23
CG MSE D 71 19.07 -30.25 -5.21
SE MSE D 71 19.68 -30.37 -7.07
CE MSE D 71 19.91 -32.34 -7.09
N ASP D 72 20.77 -28.12 -2.41
CA ASP D 72 20.29 -26.89 -1.78
C ASP D 72 20.89 -25.61 -2.36
N LYS D 73 22.19 -25.62 -2.60
CA LYS D 73 22.83 -24.38 -3.03
C LYS D 73 22.77 -24.08 -4.53
N VAL D 74 22.15 -24.93 -5.32
CA VAL D 74 22.00 -24.65 -6.76
C VAL D 74 20.54 -24.65 -7.23
N LEU D 75 19.65 -25.26 -6.47
CA LEU D 75 18.23 -25.35 -6.86
C LEU D 75 17.55 -23.99 -6.94
N ARG D 76 16.78 -23.70 -8.00
CA ARG D 76 16.04 -22.44 -8.10
C ARG D 76 14.53 -22.73 -8.05
N THR D 77 13.72 -21.76 -7.60
CA THR D 77 12.26 -21.97 -7.49
C THR D 77 11.64 -22.20 -8.87
N ALA D 78 10.67 -23.11 -8.96
CA ALA D 78 10.01 -23.44 -10.21
C ALA D 78 8.74 -22.60 -10.41
N VAL D 79 8.56 -22.02 -11.60
CA VAL D 79 7.37 -21.29 -11.91
C VAL D 79 6.36 -22.22 -12.59
N VAL D 80 5.14 -22.18 -12.11
CA VAL D 80 4.05 -23.01 -12.56
C VAL D 80 2.98 -22.25 -13.36
N VAL D 81 2.57 -22.81 -14.50
CA VAL D 81 1.57 -22.18 -15.36
C VAL D 81 0.53 -23.20 -15.81
N PRO D 82 -0.66 -22.73 -16.18
CA PRO D 82 -1.72 -23.68 -16.59
C PRO D 82 -1.60 -24.05 -18.06
N GLU D 83 -2.01 -25.26 -18.45
CA GLU D 83 -1.90 -25.67 -19.88
C GLU D 83 -2.73 -24.86 -20.86
N SER D 84 -3.79 -24.20 -20.38
CA SER D 84 -4.61 -23.33 -21.22
C SER D 84 -4.01 -21.97 -21.50
N LYS D 85 -2.93 -21.59 -20.84
CA LYS D 85 -2.32 -20.28 -21.13
C LYS D 85 -1.92 -20.17 -22.60
N ARG D 86 -2.18 -19.02 -23.19
CA ARG D 86 -1.83 -18.72 -24.55
C ARG D 86 -0.30 -18.56 -24.69
N VAL D 87 0.23 -19.09 -25.79
CA VAL D 87 1.63 -19.06 -26.05
C VAL D 87 2.19 -17.62 -26.11
N ASP D 88 1.40 -16.65 -26.60
CA ASP D 88 1.90 -15.25 -26.65
C ASP D 88 2.14 -14.66 -25.24
N ARG D 89 1.25 -15.00 -24.35
CA ARG D 89 1.33 -14.55 -22.99
C ARG D 89 2.51 -15.27 -22.32
N MSE D 90 2.65 -16.55 -22.62
CA MSE D 90 3.76 -17.30 -22.06
C MSE D 90 5.04 -16.65 -22.49
O MSE D 90 5.93 -16.44 -21.65
CB MSE D 90 3.72 -18.77 -22.51
CG MSE D 90 4.78 -19.66 -21.87
SE MSE D 90 4.49 -20.07 -20.00
CE MSE D 90 5.72 -18.86 -19.07
N LEU D 91 5.15 -16.28 -23.76
CA LEU D 91 6.37 -15.66 -24.23
C LEU D 91 6.68 -14.37 -23.47
N LYS D 92 5.65 -13.54 -23.31
CA LYS D 92 5.78 -12.30 -22.53
C LYS D 92 6.14 -12.48 -21.06
N GLU D 93 5.62 -13.53 -20.41
CA GLU D 93 6.02 -13.81 -19.02
C GLU D 93 7.50 -14.29 -18.93
N PHE D 94 7.91 -15.16 -19.84
CA PHE D 94 9.28 -15.60 -19.83
C PHE D 94 10.24 -14.40 -19.89
N ARG D 95 9.94 -13.47 -20.80
CA ARG D 95 10.77 -12.34 -21.01
C ARG D 95 10.69 -11.41 -19.79
N SER D 96 9.49 -11.17 -19.26
CA SER D 96 9.30 -10.26 -18.13
C SER D 96 9.97 -10.74 -16.83
N GLN D 97 9.81 -12.04 -16.55
CA GLN D 97 10.30 -12.63 -15.35
C GLN D 97 11.66 -13.23 -15.52
N ARG D 98 12.21 -13.09 -16.73
CA ARG D 98 13.54 -13.54 -17.12
C ARG D 98 13.87 -14.98 -16.76
N TYR D 99 13.10 -15.91 -17.32
CA TYR D 99 13.33 -17.30 -17.05
C TYR D 99 13.08 -18.06 -18.35
N HIS D 100 13.48 -19.33 -18.36
CA HIS D 100 13.49 -20.16 -19.55
C HIS D 100 12.57 -21.38 -19.51
N MSE D 101 12.24 -21.92 -18.34
CA MSE D 101 11.41 -23.12 -18.25
C MSE D 101 10.37 -23.01 -17.15
O MSE D 101 10.66 -22.58 -16.03
CB MSE D 101 12.30 -24.34 -17.99
CG MSE D 101 11.60 -25.61 -17.52
SE MSE D 101 12.89 -27.13 -17.11
CE MSE D 101 13.49 -27.43 -18.97
N ALA D 102 9.17 -23.42 -17.48
CA ALA D 102 8.06 -23.42 -16.56
C ALA D 102 7.48 -24.82 -16.48
N ILE D 103 6.88 -25.10 -15.31
CA ILE D 103 6.16 -26.34 -15.06
C ILE D 103 4.70 -26.10 -15.45
N VAL D 104 4.09 -27.02 -16.19
CA VAL D 104 2.74 -26.86 -16.64
C VAL D 104 1.80 -27.77 -15.82
N ILE D 105 0.64 -27.26 -15.41
CA ILE D 105 -0.31 -28.07 -14.61
C ILE D 105 -1.63 -28.04 -15.29
N ASP D 106 -2.44 -29.06 -15.01
CA ASP D 106 -3.78 -29.20 -15.57
C ASP D 106 -4.80 -28.64 -14.60
N GLU D 107 -6.08 -28.77 -14.91
CA GLU D 107 -7.12 -28.19 -14.02
C GLU D 107 -7.22 -28.85 -12.64
N PHE D 108 -6.66 -30.05 -12.48
CA PHE D 108 -6.71 -30.73 -11.18
C PHE D 108 -5.51 -30.37 -10.35
N GLY D 109 -4.62 -29.56 -10.91
CA GLY D 109 -3.41 -29.18 -10.22
C GLY D 109 -2.27 -30.20 -10.41
N GLY D 110 -2.48 -31.27 -11.18
CA GLY D 110 -1.40 -32.24 -11.44
C GLY D 110 -0.42 -31.72 -12.48
N VAL D 111 0.85 -32.13 -12.39
CA VAL D 111 1.84 -31.73 -13.36
C VAL D 111 1.58 -32.45 -14.65
N SER D 112 1.46 -31.68 -15.72
CA SER D 112 1.13 -32.19 -17.06
C SER D 112 2.32 -32.07 -18.00
N GLY D 113 3.30 -31.24 -17.66
CA GLY D 113 4.50 -31.13 -18.48
C GLY D 113 5.38 -29.95 -18.18
N LEU D 114 6.31 -29.65 -19.06
CA LEU D 114 7.15 -28.48 -18.90
C LEU D 114 7.09 -27.72 -20.20
N VAL D 115 7.43 -26.41 -20.18
CA VAL D 115 7.44 -25.64 -21.39
C VAL D 115 8.65 -24.74 -21.33
N THR D 116 9.23 -24.47 -22.49
CA THR D 116 10.45 -23.64 -22.56
C THR D 116 10.34 -22.56 -23.61
N ILE D 117 11.11 -21.51 -23.39
CA ILE D 117 11.09 -20.39 -24.29
C ILE D 117 11.67 -20.78 -25.63
N GLU D 118 12.62 -21.71 -25.62
CA GLU D 118 13.29 -22.17 -26.84
C GLU D 118 12.26 -22.80 -27.76
N ASP D 119 11.32 -23.57 -27.20
CA ASP D 119 10.24 -24.17 -28.00
C ASP D 119 9.26 -23.16 -28.58
N ILE D 120 9.01 -22.07 -27.87
CA ILE D 120 8.15 -21.02 -28.37
C ILE D 120 8.86 -20.27 -29.52
N LEU D 121 10.10 -19.86 -29.28
CA LEU D 121 10.89 -19.13 -30.29
C LEU D 121 11.03 -19.99 -31.54
N GLU D 122 11.36 -21.27 -31.36
CA GLU D 122 11.47 -22.19 -32.48
C GLU D 122 10.20 -22.19 -33.35
N LEU D 123 9.05 -22.04 -32.71
CA LEU D 123 7.77 -22.01 -33.38
C LEU D 123 7.64 -20.74 -34.27
N ILE D 124 8.15 -19.63 -33.79
CA ILE D 124 8.06 -18.36 -34.51
C ILE D 124 9.21 -18.03 -35.51
N VAL D 125 9.98 -19.04 -35.95
CA VAL D 125 11.07 -18.77 -36.89
C VAL D 125 10.59 -19.01 -38.32
P AMP E . -0.05 -19.54 -2.91
O1P AMP E . 0.16 -19.48 -4.41
O2P AMP E . -0.63 -18.28 -2.32
O3P AMP E . -0.70 -20.81 -2.48
O5' AMP E . 1.39 -19.74 -2.32
C5' AMP E . 2.15 -20.76 -3.01
C4' AMP E . 3.58 -20.27 -3.05
O4' AMP E . 3.74 -19.36 -4.16
C3' AMP E . 3.91 -19.48 -1.80
O3' AMP E . 4.54 -20.29 -0.81
C2' AMP E . 4.84 -18.43 -2.28
O2' AMP E . 6.14 -18.97 -2.16
C1' AMP E . 4.53 -18.29 -3.73
N9 AMP E . 3.77 -17.05 -4.01
C8 AMP E . 2.65 -16.67 -3.40
N7 AMP E . 2.23 -15.53 -3.95
C5 AMP E . 3.09 -15.20 -4.95
C6 AMP E . 3.22 -14.12 -5.90
N6 AMP E . 2.28 -13.15 -5.88
N1 AMP E . 4.24 -14.14 -6.78
C2 AMP E . 5.15 -15.16 -6.77
N3 AMP E . 5.07 -16.19 -5.91
C4 AMP E . 4.13 -16.20 -4.97
P AMP F . -21.66 11.70 20.69
O1P AMP F . -23.06 11.51 20.16
O2P AMP F . -20.88 12.91 20.21
O3P AMP F . -21.57 11.39 22.17
O5' AMP F . -20.93 10.48 19.96
C5' AMP F . -21.59 9.21 19.97
C4' AMP F . -21.85 8.65 18.58
O4' AMP F . -22.92 9.31 17.88
C3' AMP F . -20.60 8.76 17.71
O3' AMP F . -19.76 7.61 17.84
C2' AMP F . -21.10 9.00 16.31
O2' AMP F . -21.03 7.81 15.56
C1' AMP F . -22.55 9.43 16.48
N9 AMP F . -22.59 10.85 16.10
C8 AMP F . -21.80 11.81 16.62
N7 AMP F . -22.08 13.02 16.08
C5 AMP F . -23.08 12.81 15.22
C6 AMP F . -23.85 13.63 14.30
N6 AMP F . -23.61 14.95 14.27
N1 AMP F . -24.79 13.02 13.52
C2 AMP F . -25.05 11.72 13.62
N3 AMP F . -24.37 10.91 14.44
C4 AMP F . -23.41 11.38 15.23
P AMP G . 11.19 25.24 8.76
O1P AMP G . 12.25 25.47 7.73
O2P AMP G . 10.60 23.86 8.59
O3P AMP G . 11.51 25.66 10.17
O5' AMP G . 10.07 26.27 8.36
C5' AMP G . 10.41 27.64 8.10
C4' AMP G . 9.46 28.22 7.05
O4' AMP G . 9.78 27.78 5.71
C3' AMP G . 8.03 27.79 7.25
O3' AMP G . 7.32 28.66 8.10
C2' AMP G . 7.44 27.91 5.87
O2' AMP G . 7.23 29.30 5.58
C1' AMP G . 8.59 27.41 5.02
N9 AMP G . 8.48 25.94 4.77
C8 AMP G . 8.39 24.92 5.67
N7 AMP G . 8.35 23.71 5.06
C5 AMP G . 8.38 23.95 3.75
C6 AMP G . 8.37 23.14 2.57
N6 AMP G . 8.28 21.79 2.67
N1 AMP G . 8.48 23.79 1.37
C2 AMP G . 8.51 25.13 1.30
N3 AMP G . 8.51 25.96 2.34
C4 AMP G . 8.48 25.42 3.57
P AMP H . 18.02 -28.00 -24.28
O1P AMP H . 18.07 -29.47 -24.63
O2P AMP H . 18.13 -27.67 -22.83
O3P AMP H . 18.89 -27.18 -25.19
O5' AMP H . 16.54 -27.65 -24.81
C5' AMP H . 16.08 -28.32 -26.00
C4' AMP H . 14.65 -28.83 -25.89
O4' AMP H . 14.49 -30.16 -25.31
C3' AMP H . 13.82 -27.86 -25.05
O3' AMP H . 13.32 -26.72 -25.73
C2' AMP H . 12.71 -28.73 -24.63
O2' AMP H . 11.76 -28.85 -25.66
C1' AMP H . 13.42 -30.06 -24.40
N9 AMP H . 13.90 -30.09 -23.00
C8 AMP H . 14.68 -29.22 -22.34
N7 AMP H . 14.91 -29.60 -21.06
C5 AMP H . 14.23 -30.75 -20.92
C6 AMP H . 14.01 -31.67 -19.85
N6 AMP H . 14.59 -31.46 -18.64
N1 AMP H . 13.22 -32.73 -20.15
C2 AMP H . 12.64 -32.97 -21.34
N3 AMP H . 12.82 -32.18 -22.40
C4 AMP H . 13.58 -31.07 -22.20
#